data_2F9G
#
_entry.id   2F9G
#
_cell.length_a   56.811
_cell.length_b   62.533
_cell.length_c   86.008
_cell.angle_alpha   90.00
_cell.angle_beta   90.00
_cell.angle_gamma   90.00
#
_symmetry.space_group_name_H-M   'P 21 21 21'
#
loop_
_entity.id
_entity.type
_entity.pdbx_description
1 polymer 'Mitogen-activated protein kinase FUS3'
2 non-polymer 'MAGNESIUM ION'
3 non-polymer "ADENOSINE-5'-DIPHOSPHATE"
4 water water
#
_entity_poly.entity_id   1
_entity_poly.type   'polypeptide(L)'
_entity_poly.pdbx_seq_one_letter_code
;MPKRIVYNISSDFQLKSLLGEGAYGVVCSATHKPTGEIVAIKKIEPFDKPLFALRTLREIKILKHFKHENIITIFNIQRP
DSFENFNEVYIIQELMQTDLHRVISTQMLSDDHIQYFIYQTLRAVKVLHGSNVIHRDLKPSNLLINSNCDLKVCDFGLAR
IIDESAADNSEPTGQQSGMTE(PTR)VATRWYRAPEVMLTSAKYSRAMDVWSCGCILAELFLRRPIFPGRDYRHQLLLIF
GIIGTPHSDNDLRCIESPRAREYIKSLPMYPAAPLEKMFPRVNPKGIDLLQRMLVFDPAKRITAKEALEHPYLQTYHDPN
DEPEGEPIPPSFFEFDHYKEALTTKDLKKLIWNEIFS
;
_entity_poly.pdbx_strand_id   A
#
loop_
_chem_comp.id
_chem_comp.type
_chem_comp.name
_chem_comp.formula
ADP non-polymer ADENOSINE-5'-DIPHOSPHATE 'C10 H15 N5 O10 P2'
MG non-polymer 'MAGNESIUM ION' 'Mg 2'
#
# COMPACT_ATOMS: atom_id res chain seq x y z
N MET A 1 -6.47 -6.64 -25.25
CA MET A 1 -7.84 -6.40 -24.69
C MET A 1 -8.73 -7.63 -24.77
N PRO A 2 -8.54 -8.58 -23.85
CA PRO A 2 -9.40 -9.77 -23.89
C PRO A 2 -10.86 -9.35 -24.12
N LYS A 3 -11.53 -10.00 -25.06
CA LYS A 3 -12.92 -9.68 -25.37
C LYS A 3 -13.76 -9.80 -24.11
N ARG A 4 -13.38 -10.73 -23.23
CA ARG A 4 -14.11 -10.95 -21.98
C ARG A 4 -13.96 -9.80 -20.97
N ILE A 5 -13.61 -8.62 -21.45
CA ILE A 5 -13.49 -7.46 -20.59
C ILE A 5 -14.45 -6.44 -21.14
N VAL A 6 -15.51 -6.21 -20.38
CA VAL A 6 -16.57 -5.30 -20.75
C VAL A 6 -16.67 -4.14 -19.76
N TYR A 7 -16.67 -2.91 -20.29
CA TYR A 7 -16.77 -1.72 -19.46
C TYR A 7 -18.02 -0.95 -19.80
N ASN A 8 -18.97 -0.88 -18.89
CA ASN A 8 -20.16 -0.11 -19.19
C ASN A 8 -19.84 1.36 -18.94
N ILE A 9 -19.04 1.96 -19.83
CA ILE A 9 -18.67 3.36 -19.68
C ILE A 9 -19.07 4.25 -20.83
N SER A 10 -18.96 5.55 -20.60
CA SER A 10 -19.30 6.51 -21.62
C SER A 10 -18.65 6.06 -22.90
N SER A 11 -19.38 6.17 -24.01
CA SER A 11 -18.86 5.81 -25.31
C SER A 11 -17.69 6.73 -25.63
N ASP A 12 -17.61 7.88 -24.94
CA ASP A 12 -16.51 8.82 -25.14
C ASP A 12 -15.19 8.12 -24.96
N PHE A 13 -15.22 6.95 -24.34
CA PHE A 13 -13.99 6.19 -24.09
C PHE A 13 -13.86 4.96 -24.96
N GLN A 14 -12.61 4.70 -25.34
CA GLN A 14 -12.28 3.53 -26.11
C GLN A 14 -11.21 2.77 -25.33
N LEU A 15 -11.56 1.58 -24.87
CA LEU A 15 -10.64 0.74 -24.13
C LEU A 15 -9.44 0.43 -25.01
N LYS A 16 -8.24 0.55 -24.46
CA LYS A 16 -7.03 0.31 -25.20
C LYS A 16 -6.32 -0.97 -24.76
N SER A 17 -5.92 -1.05 -23.48
CA SER A 17 -5.24 -2.25 -23.00
C SER A 17 -5.59 -2.65 -21.58
N LEU A 18 -5.38 -3.93 -21.28
CA LEU A 18 -5.60 -4.47 -19.95
C LEU A 18 -4.29 -4.34 -19.15
N LEU A 19 -4.34 -3.66 -18.02
CA LEU A 19 -3.14 -3.45 -17.18
C LEU A 19 -3.13 -4.28 -15.87
N GLY A 20 -4.29 -4.76 -15.45
CA GLY A 20 -4.36 -5.56 -14.24
C GLY A 20 -5.68 -6.27 -14.11
N GLU A 21 -5.68 -7.42 -13.44
CA GLU A 21 -6.94 -8.16 -13.30
C GLU A 21 -6.98 -9.01 -12.05
N GLY A 22 -7.70 -8.54 -11.04
CA GLY A 22 -7.79 -9.30 -9.82
C GLY A 22 -9.23 -9.65 -9.47
N ALA A 23 -9.41 -10.19 -8.27
CA ALA A 23 -10.75 -10.56 -7.84
C ALA A 23 -11.49 -9.29 -7.41
N TYR A 24 -10.76 -8.20 -7.18
CA TYR A 24 -11.40 -6.97 -6.76
C TYR A 24 -11.45 -5.97 -7.92
N GLY A 25 -10.30 -5.65 -8.48
CA GLY A 25 -10.31 -4.71 -9.58
C GLY A 25 -9.71 -5.16 -10.90
N VAL A 26 -10.14 -4.49 -11.96
CA VAL A 26 -9.64 -4.72 -13.30
C VAL A 26 -9.26 -3.31 -13.74
N VAL A 27 -8.08 -3.15 -14.33
CA VAL A 27 -7.62 -1.84 -14.77
C VAL A 27 -7.22 -1.86 -16.26
N CYS A 28 -7.66 -0.86 -17.00
CA CYS A 28 -7.36 -0.78 -18.41
C CYS A 28 -7.08 0.63 -18.78
N SER A 29 -6.24 0.80 -19.79
CA SER A 29 -5.93 2.11 -20.28
C SER A 29 -7.09 2.32 -21.24
N ALA A 30 -7.32 3.56 -21.63
CA ALA A 30 -8.42 3.89 -22.51
C ALA A 30 -8.24 5.28 -23.08
N THR A 31 -8.61 5.45 -24.35
CA THR A 31 -8.49 6.74 -24.97
C THR A 31 -9.77 7.54 -24.76
N HIS A 32 -9.62 8.81 -24.40
CA HIS A 32 -10.75 9.68 -24.22
C HIS A 32 -10.88 10.42 -25.56
N LYS A 33 -11.81 9.97 -26.40
CA LYS A 33 -11.97 10.56 -27.73
C LYS A 33 -12.05 12.08 -27.84
N PRO A 34 -12.84 12.73 -26.99
CA PRO A 34 -12.89 14.20 -27.13
C PRO A 34 -11.53 14.92 -27.03
N THR A 35 -10.67 14.45 -26.14
CA THR A 35 -9.39 15.12 -25.95
C THR A 35 -8.21 14.35 -26.53
N GLY A 36 -8.41 13.08 -26.79
CA GLY A 36 -7.32 12.26 -27.31
C GLY A 36 -6.44 11.78 -26.17
N GLU A 37 -6.73 12.23 -24.96
CA GLU A 37 -5.95 11.84 -23.80
C GLU A 37 -6.16 10.38 -23.42
N ILE A 38 -5.08 9.71 -23.03
CA ILE A 38 -5.14 8.31 -22.64
C ILE A 38 -5.24 8.25 -21.11
N VAL A 39 -6.14 7.44 -20.59
CA VAL A 39 -6.32 7.36 -19.16
C VAL A 39 -6.37 5.93 -18.74
N ALA A 40 -6.55 5.74 -17.46
CA ALA A 40 -6.67 4.40 -16.91
C ALA A 40 -8.04 4.33 -16.19
N ILE A 41 -8.74 3.22 -16.34
CA ILE A 41 -10.04 3.05 -15.74
C ILE A 41 -10.04 1.79 -14.90
N LYS A 42 -10.34 1.97 -13.61
CA LYS A 42 -10.39 0.84 -12.70
C LYS A 42 -11.86 0.46 -12.53
N LYS A 43 -12.20 -0.75 -12.94
CA LYS A 43 -13.56 -1.24 -12.85
C LYS A 43 -13.65 -2.16 -11.67
N ILE A 44 -14.67 -1.95 -10.84
CA ILE A 44 -14.88 -2.73 -9.61
C ILE A 44 -16.34 -3.22 -9.58
N GLU A 45 -16.59 -4.47 -9.20
CA GLU A 45 -17.97 -5.00 -9.08
C GLU A 45 -18.03 -5.32 -7.63
N PRO A 46 -18.43 -4.36 -6.82
CA PRO A 46 -18.47 -4.57 -5.39
C PRO A 46 -19.69 -5.06 -4.66
N PHE A 47 -20.75 -5.47 -5.36
CA PHE A 47 -21.93 -5.82 -4.58
C PHE A 47 -22.29 -7.29 -4.33
N ASP A 48 -21.26 -8.15 -4.26
CA ASP A 48 -21.44 -9.59 -3.96
C ASP A 48 -21.11 -9.92 -2.49
N LYS A 49 -20.31 -9.07 -1.86
CA LYS A 49 -19.91 -9.22 -0.45
C LYS A 49 -19.71 -7.82 0.17
N PRO A 50 -20.09 -7.67 1.45
CA PRO A 50 -19.91 -6.36 2.08
C PRO A 50 -18.45 -5.95 2.05
N LEU A 51 -17.58 -6.94 2.15
CA LEU A 51 -16.16 -6.65 2.18
C LEU A 51 -15.72 -5.88 0.93
N PHE A 52 -16.19 -6.29 -0.23
CA PHE A 52 -15.77 -5.59 -1.45
C PHE A 52 -16.38 -4.18 -1.54
N ALA A 53 -17.54 -4.00 -0.95
CA ALA A 53 -18.19 -2.71 -1.04
C ALA A 53 -17.56 -1.72 -0.07
N LEU A 54 -17.09 -2.25 1.06
CA LEU A 54 -16.46 -1.41 2.05
C LEU A 54 -15.15 -0.96 1.47
N ARG A 55 -14.46 -1.89 0.81
CA ARG A 55 -13.19 -1.58 0.22
C ARG A 55 -13.36 -0.52 -0.86
N THR A 56 -14.43 -0.64 -1.63
CA THR A 56 -14.71 0.34 -2.69
C THR A 56 -14.96 1.76 -2.13
N LEU A 57 -15.76 1.82 -1.06
CA LEU A 57 -16.12 3.08 -0.42
C LEU A 57 -14.90 3.77 0.15
N ARG A 58 -14.08 3.02 0.91
CA ARG A 58 -12.86 3.55 1.50
C ARG A 58 -11.92 4.07 0.42
N GLU A 59 -11.76 3.30 -0.66
CA GLU A 59 -10.89 3.69 -1.76
C GLU A 59 -11.31 4.99 -2.46
N ILE A 60 -12.57 5.12 -2.88
CA ILE A 60 -12.93 6.38 -3.52
C ILE A 60 -12.95 7.57 -2.54
N LYS A 61 -13.34 7.37 -1.27
CA LYS A 61 -13.33 8.54 -0.38
C LYS A 61 -11.88 9.03 -0.22
N ILE A 62 -10.92 8.10 -0.12
CA ILE A 62 -9.52 8.46 0.02
C ILE A 62 -9.00 9.19 -1.26
N LEU A 63 -9.28 8.61 -2.43
CA LEU A 63 -8.84 9.19 -3.68
C LEU A 63 -9.48 10.56 -3.95
N LYS A 64 -10.70 10.77 -3.47
CA LYS A 64 -11.36 12.06 -3.67
C LYS A 64 -10.92 13.11 -2.64
N HIS A 65 -10.46 12.67 -1.47
CA HIS A 65 -10.01 13.55 -0.42
C HIS A 65 -8.54 13.99 -0.42
N PHE A 66 -7.64 13.10 -0.84
CA PHE A 66 -6.20 13.37 -0.86
C PHE A 66 -5.66 13.93 -2.14
N LYS A 67 -4.86 14.99 -2.01
CA LYS A 67 -4.21 15.58 -3.16
C LYS A 67 -2.73 15.64 -2.73
N HIS A 68 -1.86 14.93 -3.43
CA HIS A 68 -0.44 14.88 -3.07
C HIS A 68 0.28 14.34 -4.31
N GLU A 69 1.52 14.82 -4.52
CA GLU A 69 2.30 14.42 -5.71
C GLU A 69 2.58 12.92 -5.80
N ASN A 70 2.67 12.24 -4.64
CA ASN A 70 2.92 10.81 -4.59
C ASN A 70 1.67 9.94 -4.30
N ILE A 71 0.50 10.50 -4.60
CA ILE A 71 -0.76 9.77 -4.45
C ILE A 71 -1.44 9.85 -5.83
N ILE A 72 -1.81 8.70 -6.40
CA ILE A 72 -2.45 8.67 -7.70
C ILE A 72 -3.62 9.64 -7.81
N THR A 73 -3.66 10.36 -8.91
CA THR A 73 -4.67 11.35 -9.17
C THR A 73 -5.92 10.78 -9.83
N ILE A 74 -7.08 11.10 -9.28
CA ILE A 74 -8.35 10.64 -9.81
C ILE A 74 -8.89 11.76 -10.73
N PHE A 75 -9.46 11.41 -11.86
CA PHE A 75 -10.00 12.42 -12.75
C PHE A 75 -11.49 12.55 -12.55
N ASN A 76 -12.15 11.42 -12.35
CA ASN A 76 -13.57 11.43 -12.19
C ASN A 76 -14.06 10.00 -11.97
N ILE A 77 -15.33 9.87 -11.64
CA ILE A 77 -15.92 8.56 -11.47
C ILE A 77 -17.17 8.48 -12.32
N GLN A 78 -17.26 7.44 -13.14
CA GLN A 78 -18.41 7.27 -13.98
C GLN A 78 -19.71 7.45 -13.19
N ARG A 79 -20.65 8.16 -13.78
CA ARG A 79 -21.94 8.40 -13.16
C ARG A 79 -22.97 7.39 -13.65
N PRO A 80 -23.46 6.55 -12.75
CA PRO A 80 -24.45 5.52 -13.07
C PRO A 80 -25.75 6.21 -13.55
N ASP A 81 -26.41 5.59 -14.52
CA ASP A 81 -27.65 6.12 -15.10
C ASP A 81 -28.89 5.93 -14.24
N SER A 82 -28.88 4.92 -13.37
CA SER A 82 -29.99 4.66 -12.49
C SER A 82 -29.45 3.88 -11.34
N PHE A 83 -30.18 3.91 -10.24
CA PHE A 83 -29.80 3.19 -9.06
C PHE A 83 -29.96 1.71 -9.33
N GLU A 84 -31.08 1.30 -9.91
CA GLU A 84 -31.30 -0.12 -10.18
C GLU A 84 -30.14 -0.75 -10.96
N ASN A 85 -29.73 -0.09 -12.05
CA ASN A 85 -28.65 -0.58 -12.91
C ASN A 85 -27.24 -0.51 -12.31
N PHE A 86 -27.03 0.39 -11.35
CA PHE A 86 -25.74 0.56 -10.69
C PHE A 86 -25.17 -0.75 -10.13
N ASN A 87 -24.23 -1.33 -10.86
CA ASN A 87 -23.66 -2.59 -10.42
C ASN A 87 -22.13 -2.65 -10.48
N GLU A 88 -21.53 -1.62 -11.08
CA GLU A 88 -20.08 -1.52 -11.23
C GLU A 88 -19.62 -0.08 -10.96
N VAL A 89 -18.39 0.06 -10.51
CA VAL A 89 -17.81 1.37 -10.26
C VAL A 89 -16.63 1.56 -11.21
N TYR A 90 -16.63 2.66 -11.94
CA TYR A 90 -15.55 2.89 -12.89
C TYR A 90 -14.75 4.13 -12.48
N ILE A 91 -13.56 3.94 -11.93
CA ILE A 91 -12.73 5.08 -11.50
C ILE A 91 -11.80 5.46 -12.63
N ILE A 92 -11.87 6.70 -13.05
CA ILE A 92 -11.05 7.20 -14.14
C ILE A 92 -9.93 8.00 -13.52
N GLN A 93 -8.69 7.62 -13.81
CA GLN A 93 -7.50 8.27 -13.23
C GLN A 93 -6.36 8.51 -14.20
N GLU A 94 -5.35 9.23 -13.74
CA GLU A 94 -4.20 9.47 -14.61
C GLU A 94 -3.57 8.13 -14.96
N LEU A 95 -3.14 8.01 -16.20
CA LEU A 95 -2.52 6.80 -16.67
C LEU A 95 -1.06 6.81 -16.25
N MET A 96 -0.58 5.72 -15.67
CA MET A 96 0.82 5.67 -15.27
C MET A 96 1.51 4.63 -16.16
N GLN A 97 2.81 4.76 -16.38
CA GLN A 97 3.48 3.82 -17.26
C GLN A 97 3.59 2.36 -16.81
N THR A 98 3.89 2.16 -15.54
CA THR A 98 4.05 0.81 -15.02
C THR A 98 3.89 0.90 -13.47
N ASP A 99 4.27 -0.16 -12.78
CA ASP A 99 4.22 -0.14 -11.32
C ASP A 99 5.55 -0.67 -10.82
N LEU A 100 5.90 -0.40 -9.56
CA LEU A 100 7.20 -0.85 -9.07
C LEU A 100 7.45 -2.35 -9.14
N HIS A 101 6.42 -3.19 -9.03
CA HIS A 101 6.74 -4.61 -9.12
C HIS A 101 7.30 -4.91 -10.51
N ARG A 102 6.70 -4.30 -11.51
CA ARG A 102 7.12 -4.54 -12.87
C ARG A 102 8.53 -4.02 -13.11
N VAL A 103 8.85 -2.84 -12.56
CA VAL A 103 10.17 -2.27 -12.74
C VAL A 103 11.24 -3.11 -12.06
N ILE A 104 10.98 -3.47 -10.82
CA ILE A 104 11.94 -4.26 -10.08
C ILE A 104 12.26 -5.59 -10.76
N SER A 105 11.24 -6.26 -11.28
CA SER A 105 11.52 -7.56 -11.90
C SER A 105 11.98 -7.46 -13.37
N THR A 106 11.93 -6.27 -13.95
CA THR A 106 12.37 -6.11 -15.33
C THR A 106 13.50 -5.10 -15.53
N GLN A 107 13.94 -4.45 -14.46
CA GLN A 107 15.00 -3.45 -14.59
C GLN A 107 16.08 -3.52 -13.53
N MET A 108 17.31 -3.27 -13.93
CA MET A 108 18.41 -3.20 -12.97
C MET A 108 18.27 -1.71 -12.54
N LEU A 109 18.26 -1.43 -11.25
CA LEU A 109 18.11 -0.03 -10.85
C LEU A 109 19.39 0.52 -10.23
N SER A 110 19.72 1.77 -10.54
CA SER A 110 20.90 2.37 -9.95
C SER A 110 20.52 2.71 -8.51
N ASP A 111 21.49 3.13 -7.71
CA ASP A 111 21.25 3.49 -6.33
C ASP A 111 20.39 4.75 -6.32
N ASP A 112 20.75 5.70 -7.17
CA ASP A 112 19.98 6.93 -7.23
C ASP A 112 18.48 6.66 -7.42
N HIS A 113 18.11 5.70 -8.27
CA HIS A 113 16.70 5.38 -8.50
C HIS A 113 16.06 4.74 -7.28
N ILE A 114 16.78 3.82 -6.63
CA ILE A 114 16.29 3.17 -5.43
C ILE A 114 16.00 4.25 -4.37
N GLN A 115 16.93 5.18 -4.20
CA GLN A 115 16.75 6.28 -3.25
C GLN A 115 15.50 7.10 -3.59
N TYR A 116 15.35 7.45 -4.85
CA TYR A 116 14.21 8.26 -5.26
C TYR A 116 12.85 7.53 -5.06
N PHE A 117 12.78 6.27 -5.43
CA PHE A 117 11.54 5.51 -5.26
C PHE A 117 11.14 5.39 -3.79
N ILE A 118 12.05 4.93 -2.95
CA ILE A 118 11.75 4.76 -1.53
C ILE A 118 11.46 6.11 -0.91
N TYR A 119 12.11 7.14 -1.43
CA TYR A 119 11.86 8.48 -0.92
C TYR A 119 10.41 8.92 -1.16
N GLN A 120 9.92 8.76 -2.39
CA GLN A 120 8.57 9.16 -2.74
C GLN A 120 7.51 8.34 -2.04
N THR A 121 7.84 7.06 -1.82
CA THR A 121 6.95 6.15 -1.14
C THR A 121 6.82 6.68 0.29
N LEU A 122 7.95 6.97 0.95
CA LEU A 122 7.90 7.51 2.32
C LEU A 122 7.23 8.89 2.39
N ARG A 123 7.39 9.72 1.36
CA ARG A 123 6.73 11.03 1.36
C ARG A 123 5.17 10.86 1.36
N ALA A 124 4.68 9.86 0.66
CA ALA A 124 3.25 9.58 0.63
C ALA A 124 2.87 9.00 2.00
N VAL A 125 3.64 8.05 2.51
CA VAL A 125 3.29 7.49 3.79
C VAL A 125 3.23 8.62 4.85
N LYS A 126 4.16 9.56 4.81
CA LYS A 126 4.14 10.65 5.77
C LYS A 126 2.84 11.47 5.78
N VAL A 127 2.32 11.86 4.61
CA VAL A 127 1.11 12.65 4.58
C VAL A 127 -0.10 11.80 5.04
N LEU A 128 -0.11 10.52 4.70
CA LEU A 128 -1.22 9.68 5.12
C LEU A 128 -1.16 9.56 6.63
N HIS A 129 0.00 9.16 7.16
CA HIS A 129 0.15 9.01 8.61
C HIS A 129 -0.15 10.30 9.36
N GLY A 130 0.21 11.43 8.76
CA GLY A 130 -0.05 12.71 9.36
C GLY A 130 -1.54 13.03 9.33
N SER A 131 -2.29 12.37 8.47
CA SER A 131 -3.71 12.64 8.37
C SER A 131 -4.44 11.56 9.15
N ASN A 132 -3.64 10.76 9.86
CA ASN A 132 -4.13 9.63 10.66
C ASN A 132 -4.69 8.47 9.85
N VAL A 133 -4.16 8.31 8.64
CA VAL A 133 -4.58 7.21 7.78
C VAL A 133 -3.43 6.23 7.63
N ILE A 134 -3.69 4.93 7.75
CA ILE A 134 -2.65 3.94 7.48
C ILE A 134 -3.20 3.21 6.24
N HIS A 135 -2.29 2.91 5.31
CA HIS A 135 -2.63 2.29 4.03
C HIS A 135 -2.90 0.81 4.22
N ARG A 136 -1.97 0.13 4.88
CA ARG A 136 -2.07 -1.30 5.19
C ARG A 136 -1.82 -2.29 4.07
N ASP A 137 -1.59 -1.84 2.85
CA ASP A 137 -1.32 -2.80 1.76
C ASP A 137 -0.26 -2.21 0.82
N LEU A 138 0.78 -1.67 1.43
CA LEU A 138 1.85 -1.12 0.62
C LEU A 138 2.71 -2.26 0.11
N LYS A 139 2.87 -2.29 -1.20
CA LYS A 139 3.74 -3.28 -1.84
C LYS A 139 4.13 -2.69 -3.17
N PRO A 140 5.14 -3.25 -3.82
CA PRO A 140 5.53 -2.65 -5.11
C PRO A 140 4.45 -2.56 -6.17
N SER A 141 3.52 -3.51 -6.24
CA SER A 141 2.50 -3.42 -7.29
C SER A 141 1.50 -2.28 -7.08
N ASN A 142 1.45 -1.71 -5.87
CA ASN A 142 0.55 -0.59 -5.55
C ASN A 142 1.31 0.74 -5.61
N LEU A 143 2.53 0.71 -6.14
CA LEU A 143 3.31 1.93 -6.30
C LEU A 143 3.40 2.09 -7.83
N LEU A 144 2.72 3.09 -8.38
CA LEU A 144 2.71 3.31 -9.81
C LEU A 144 3.88 4.21 -10.17
N ILE A 145 4.43 4.00 -11.36
CA ILE A 145 5.62 4.70 -11.83
C ILE A 145 5.54 5.21 -13.29
N ASN A 146 5.91 6.46 -13.59
CA ASN A 146 5.95 6.77 -15.01
C ASN A 146 7.38 7.06 -15.49
N SER A 147 7.55 7.22 -16.80
CA SER A 147 8.88 7.40 -17.43
C SER A 147 9.92 8.27 -16.76
N ASN A 148 9.49 9.35 -16.11
CA ASN A 148 10.46 10.23 -15.42
C ASN A 148 10.59 9.79 -13.96
N CYS A 149 10.17 8.55 -13.69
CA CYS A 149 10.28 7.98 -12.37
C CYS A 149 9.42 8.55 -11.24
N ASP A 150 8.44 9.37 -11.56
CA ASP A 150 7.58 9.87 -10.50
C ASP A 150 6.80 8.67 -9.99
N LEU A 151 6.64 8.57 -8.67
CA LEU A 151 5.93 7.45 -8.07
C LEU A 151 4.65 7.94 -7.39
N LYS A 152 3.60 7.16 -7.48
CA LYS A 152 2.34 7.57 -6.86
C LYS A 152 1.70 6.32 -6.26
N VAL A 153 1.31 6.40 -5.01
CA VAL A 153 0.70 5.27 -4.36
C VAL A 153 -0.76 5.12 -4.80
N CYS A 154 -1.21 3.88 -4.97
CA CYS A 154 -2.61 3.58 -5.31
C CYS A 154 -3.17 2.46 -4.38
N ASP A 155 -4.40 2.00 -4.66
CA ASP A 155 -5.03 0.91 -3.92
C ASP A 155 -5.27 1.19 -2.44
N PHE A 156 -6.17 2.13 -2.18
CA PHE A 156 -6.49 2.58 -0.85
C PHE A 156 -7.65 1.91 -0.13
N GLY A 157 -8.20 0.85 -0.72
CA GLY A 157 -9.35 0.18 -0.14
C GLY A 157 -9.22 -0.45 1.23
N LEU A 158 -8.01 -0.86 1.57
CA LEU A 158 -7.76 -1.47 2.88
C LEU A 158 -7.33 -0.48 3.98
N ALA A 159 -7.34 0.81 3.65
CA ALA A 159 -6.91 1.80 4.61
C ALA A 159 -7.80 1.81 5.86
N ARG A 160 -7.34 2.48 6.89
CA ARG A 160 -8.11 2.64 8.15
C ARG A 160 -7.62 3.95 8.76
N ILE A 161 -8.49 4.56 9.56
CA ILE A 161 -8.16 5.76 10.28
C ILE A 161 -7.85 5.32 11.68
N ILE A 162 -6.65 5.65 12.16
CA ILE A 162 -6.20 5.28 13.51
C ILE A 162 -7.08 5.91 14.59
N ASP A 163 -7.38 5.11 15.62
CA ASP A 163 -8.19 5.48 16.80
C ASP A 163 -9.45 6.31 16.52
N THR A 185 -1.31 -9.50 0.94
CA THR A 185 -0.24 -10.46 0.75
C THR A 185 0.70 -10.45 1.95
N ARG A 186 0.82 -11.62 2.55
CA ARG A 186 1.64 -11.75 3.71
C ARG A 186 3.10 -11.38 3.53
N TRP A 187 3.58 -11.28 2.28
CA TRP A 187 5.00 -10.96 2.05
C TRP A 187 5.47 -9.61 2.56
N TYR A 188 4.57 -8.66 2.66
CA TYR A 188 4.90 -7.33 3.13
C TYR A 188 4.21 -6.99 4.44
N ARG A 189 3.67 -7.99 5.13
CA ARG A 189 2.97 -7.71 6.39
C ARG A 189 3.83 -7.75 7.64
N ALA A 190 3.61 -6.78 8.53
CA ALA A 190 4.39 -6.72 9.75
C ALA A 190 4.10 -7.96 10.58
N PRO A 191 5.10 -8.44 11.32
CA PRO A 191 4.97 -9.62 12.19
C PRO A 191 3.88 -9.48 13.23
N GLU A 192 3.79 -8.32 13.88
CA GLU A 192 2.78 -8.09 14.90
C GLU A 192 1.40 -8.39 14.34
N VAL A 193 1.19 -8.05 13.07
CA VAL A 193 -0.09 -8.32 12.45
C VAL A 193 -0.38 -9.82 12.36
N MET A 194 0.67 -10.63 12.27
CA MET A 194 0.51 -12.08 12.15
C MET A 194 0.52 -12.84 13.47
N LEU A 195 0.89 -12.19 14.56
CA LEU A 195 0.93 -12.91 15.83
C LEU A 195 -0.31 -12.70 16.67
N THR A 196 -1.01 -11.60 16.44
CA THR A 196 -2.22 -11.30 17.20
C THR A 196 -3.25 -10.51 16.40
N SER A 197 -4.29 -10.09 17.11
CA SER A 197 -5.38 -9.28 16.56
C SER A 197 -4.74 -7.90 16.50
N ALA A 198 -3.60 -7.85 15.82
CA ALA A 198 -2.79 -6.64 15.68
C ALA A 198 -3.60 -5.38 15.64
N LYS A 199 -3.15 -4.40 16.41
CA LYS A 199 -3.79 -3.12 16.41
C LYS A 199 -3.21 -2.50 15.14
N TYR A 200 -4.00 -1.62 14.52
CA TYR A 200 -3.55 -0.95 13.32
C TYR A 200 -2.60 0.10 13.82
N SER A 201 -1.43 0.20 13.21
CA SER A 201 -0.48 1.23 13.60
C SER A 201 0.28 1.72 12.38
N ARG A 202 0.81 2.92 12.49
CA ARG A 202 1.64 3.49 11.46
C ARG A 202 2.85 2.56 11.24
N ALA A 203 3.36 1.94 12.31
CA ALA A 203 4.52 1.07 12.18
C ALA A 203 4.37 -0.08 11.16
N MET A 204 3.14 -0.57 10.96
CA MET A 204 2.96 -1.66 10.02
C MET A 204 3.22 -1.13 8.61
N ASP A 205 2.84 0.12 8.29
CA ASP A 205 3.18 0.66 6.99
C ASP A 205 4.72 0.83 6.89
N VAL A 206 5.39 1.22 7.97
CA VAL A 206 6.85 1.38 7.86
C VAL A 206 7.52 0.01 7.59
N TRP A 207 6.97 -1.03 8.19
CA TRP A 207 7.50 -2.37 7.98
C TRP A 207 7.40 -2.75 6.50
N SER A 208 6.25 -2.49 5.85
CA SER A 208 6.03 -2.79 4.44
C SER A 208 7.03 -1.96 3.60
N CYS A 209 7.26 -0.73 4.05
CA CYS A 209 8.20 0.12 3.34
C CYS A 209 9.60 -0.49 3.40
N GLY A 210 9.96 -1.09 4.53
CA GLY A 210 11.26 -1.74 4.64
C GLY A 210 11.33 -2.97 3.74
N CYS A 211 10.23 -3.72 3.66
CA CYS A 211 10.20 -4.89 2.78
C CYS A 211 10.39 -4.45 1.32
N ILE A 212 9.82 -3.30 0.97
CA ILE A 212 9.92 -2.76 -0.38
C ILE A 212 11.37 -2.28 -0.61
N LEU A 213 11.96 -1.63 0.39
CA LEU A 213 13.33 -1.15 0.19
C LEU A 213 14.23 -2.37 0.06
N ALA A 214 13.99 -3.39 0.88
CA ALA A 214 14.76 -4.60 0.83
C ALA A 214 14.71 -5.21 -0.57
N GLU A 215 13.50 -5.25 -1.13
CA GLU A 215 13.25 -5.82 -2.44
C GLU A 215 13.99 -5.02 -3.52
N LEU A 216 14.03 -3.69 -3.37
CA LEU A 216 14.75 -2.88 -4.35
C LEU A 216 16.26 -3.24 -4.34
N PHE A 217 16.80 -3.51 -3.16
CA PHE A 217 18.22 -3.83 -3.05
C PHE A 217 18.47 -5.23 -3.55
N LEU A 218 17.64 -6.15 -3.10
CA LEU A 218 17.80 -7.56 -3.44
C LEU A 218 17.29 -7.93 -4.81
N ARG A 219 16.43 -7.10 -5.37
CA ARG A 219 15.85 -7.32 -6.68
C ARG A 219 14.87 -8.45 -6.73
N ARG A 220 14.34 -8.85 -5.58
CA ARG A 220 13.31 -9.87 -5.46
C ARG A 220 12.82 -9.74 -4.02
N PRO A 221 11.60 -10.22 -3.72
CA PRO A 221 11.06 -10.12 -2.36
C PRO A 221 11.97 -10.73 -1.34
N ILE A 222 12.04 -10.10 -0.18
CA ILE A 222 12.90 -10.59 0.87
C ILE A 222 12.27 -11.63 1.75
N PHE A 223 10.96 -11.58 1.98
CA PHE A 223 10.30 -12.59 2.82
C PHE A 223 9.14 -13.25 2.08
N PRO A 224 9.43 -14.08 1.07
CA PRO A 224 8.35 -14.74 0.33
C PRO A 224 7.69 -15.94 0.98
N GLY A 225 7.17 -15.79 2.20
CA GLY A 225 6.55 -16.94 2.86
C GLY A 225 5.41 -17.63 2.13
N ARG A 226 5.36 -18.96 2.29
CA ARG A 226 4.32 -19.79 1.68
C ARG A 226 3.08 -19.82 2.58
N ASP A 227 3.29 -19.58 3.87
CA ASP A 227 2.20 -19.56 4.85
C ASP A 227 2.63 -18.69 6.03
N TYR A 228 1.78 -18.60 7.04
CA TYR A 228 2.12 -17.77 8.20
C TYR A 228 3.36 -18.26 8.93
N ARG A 229 3.49 -19.56 9.12
CA ARG A 229 4.65 -20.10 9.83
C ARG A 229 5.91 -19.80 9.05
N HIS A 230 5.88 -20.16 7.77
CA HIS A 230 7.00 -19.95 6.88
C HIS A 230 7.41 -18.48 6.88
N GLN A 231 6.43 -17.60 6.77
CA GLN A 231 6.71 -16.16 6.76
C GLN A 231 7.52 -15.70 7.98
N LEU A 232 7.09 -16.09 9.18
CA LEU A 232 7.80 -15.71 10.40
C LEU A 232 9.19 -16.33 10.38
N LEU A 233 9.29 -17.52 9.82
CA LEU A 233 10.55 -18.22 9.74
C LEU A 233 11.50 -17.36 8.92
N LEU A 234 11.08 -17.01 7.70
CA LEU A 234 11.92 -16.17 6.85
C LEU A 234 12.23 -14.81 7.51
N ILE A 235 11.28 -14.26 8.26
CA ILE A 235 11.55 -12.98 8.87
C ILE A 235 12.62 -13.01 9.95
N PHE A 236 12.45 -13.86 10.98
CA PHE A 236 13.46 -13.91 12.03
C PHE A 236 14.79 -14.36 11.46
N GLY A 237 14.73 -15.11 10.36
CA GLY A 237 15.95 -15.57 9.74
C GLY A 237 16.83 -14.36 9.48
N ILE A 238 16.21 -13.26 9.04
CA ILE A 238 16.96 -12.05 8.74
C ILE A 238 17.13 -11.00 9.89
N ILE A 239 16.05 -10.68 10.59
CA ILE A 239 16.16 -9.67 11.63
C ILE A 239 16.60 -10.20 12.98
N GLY A 240 16.54 -11.51 13.18
CA GLY A 240 16.93 -12.05 14.46
C GLY A 240 15.69 -12.46 15.22
N THR A 241 15.78 -13.57 15.93
CA THR A 241 14.64 -14.01 16.69
C THR A 241 14.57 -13.24 18.00
N PRO A 242 13.38 -12.72 18.34
CA PRO A 242 13.25 -12.00 19.60
C PRO A 242 13.41 -13.09 20.63
N HIS A 243 14.41 -12.93 21.48
CA HIS A 243 14.69 -13.92 22.49
C HIS A 243 14.18 -13.51 23.87
N SER A 244 14.95 -12.63 24.53
CA SER A 244 14.61 -12.14 25.86
C SER A 244 13.14 -11.78 26.01
N ASP A 245 12.64 -11.82 27.23
CA ASP A 245 11.25 -11.48 27.49
C ASP A 245 10.95 -10.07 26.97
N ASN A 246 11.82 -9.13 27.32
CA ASN A 246 11.69 -7.73 26.91
C ASN A 246 11.29 -7.60 25.43
N ASP A 247 11.79 -8.51 24.61
CA ASP A 247 11.51 -8.46 23.18
C ASP A 247 10.09 -8.92 22.85
N LEU A 248 9.67 -9.98 23.56
CA LEU A 248 8.37 -10.59 23.39
C LEU A 248 7.27 -9.86 24.18
N ARG A 249 7.66 -8.90 25.00
CA ARG A 249 6.65 -8.20 25.78
C ARG A 249 5.71 -7.38 24.91
N CYS A 250 6.06 -7.17 23.63
CA CYS A 250 5.20 -6.39 22.73
C CYS A 250 4.14 -7.25 22.05
N ILE A 251 4.22 -8.56 22.30
CA ILE A 251 3.29 -9.54 21.75
C ILE A 251 2.23 -9.84 22.79
N GLU A 252 0.98 -9.55 22.47
CA GLU A 252 -0.13 -9.73 23.40
C GLU A 252 -0.43 -11.16 23.86
N SER A 253 -0.76 -12.00 22.88
CA SER A 253 -1.11 -13.41 23.13
C SER A 253 0.01 -14.30 23.70
N PRO A 254 -0.03 -14.58 25.01
CA PRO A 254 1.00 -15.42 25.63
C PRO A 254 1.32 -16.68 24.82
N ARG A 255 0.34 -17.16 24.08
CA ARG A 255 0.49 -18.37 23.25
C ARG A 255 1.39 -17.99 22.07
N ALA A 256 1.13 -16.80 21.54
CA ALA A 256 1.92 -16.28 20.45
C ALA A 256 3.36 -16.23 20.93
N ARG A 257 3.54 -15.88 22.20
CA ARG A 257 4.88 -15.82 22.76
C ARG A 257 5.44 -17.23 22.82
N GLU A 258 4.58 -18.20 23.13
CA GLU A 258 5.07 -19.56 23.20
C GLU A 258 5.53 -19.96 21.83
N TYR A 259 4.68 -19.72 20.84
CA TYR A 259 5.04 -20.09 19.49
C TYR A 259 6.43 -19.58 19.13
N ILE A 260 6.67 -18.29 19.38
CA ILE A 260 7.94 -17.69 19.06
C ILE A 260 9.12 -18.37 19.72
N LYS A 261 8.94 -18.75 20.98
CA LYS A 261 10.02 -19.41 21.70
C LYS A 261 10.31 -20.81 21.13
N SER A 262 9.33 -21.43 20.48
CA SER A 262 9.55 -22.75 19.89
C SER A 262 10.35 -22.61 18.59
N LEU A 263 10.78 -21.39 18.27
CA LEU A 263 11.56 -21.12 17.06
C LEU A 263 13.04 -21.15 17.33
N PRO A 264 13.84 -21.32 16.27
CA PRO A 264 15.29 -21.34 16.48
C PRO A 264 15.67 -19.91 16.87
N MET A 265 16.75 -19.75 17.61
CA MET A 265 17.21 -18.45 18.04
C MET A 265 18.17 -17.87 16.99
N TYR A 266 17.64 -17.36 15.88
CA TYR A 266 18.49 -16.79 14.86
C TYR A 266 19.04 -15.46 15.30
N PRO A 267 20.24 -15.11 14.85
CA PRO A 267 20.91 -13.87 15.16
C PRO A 267 20.61 -12.92 14.00
N ALA A 268 20.57 -11.62 14.25
CA ALA A 268 20.31 -10.69 13.17
C ALA A 268 21.35 -10.91 12.07
N ALA A 269 20.90 -11.26 10.87
CA ALA A 269 21.81 -11.47 9.75
C ALA A 269 22.73 -10.26 9.57
N PRO A 270 23.88 -10.48 8.94
CA PRO A 270 24.88 -9.43 8.67
C PRO A 270 24.58 -8.89 7.27
N LEU A 271 23.72 -7.87 7.21
CA LEU A 271 23.32 -7.28 5.94
C LEU A 271 24.41 -6.65 5.09
N GLU A 272 25.45 -6.10 5.71
CA GLU A 272 26.52 -5.52 4.91
C GLU A 272 27.19 -6.60 4.06
N LYS A 273 27.27 -7.82 4.58
CA LYS A 273 27.85 -8.97 3.89
C LYS A 273 26.83 -9.61 2.95
N MET A 274 25.56 -9.43 3.29
CA MET A 274 24.51 -9.99 2.47
C MET A 274 24.32 -9.12 1.23
N PHE A 275 24.47 -7.80 1.41
CA PHE A 275 24.34 -6.84 0.31
C PHE A 275 25.66 -6.07 0.21
N PRO A 276 26.74 -6.76 -0.16
CA PRO A 276 28.04 -6.10 -0.29
C PRO A 276 28.09 -4.95 -1.31
N ARG A 277 27.30 -5.04 -2.37
CA ARG A 277 27.27 -3.97 -3.36
C ARG A 277 26.30 -2.83 -2.99
N VAL A 278 25.69 -2.89 -1.82
CA VAL A 278 24.70 -1.87 -1.45
C VAL A 278 25.18 -0.76 -0.54
N ASN A 279 24.76 0.46 -0.86
CA ASN A 279 25.07 1.64 -0.10
C ASN A 279 24.85 1.38 1.40
N PRO A 280 25.89 1.59 2.22
CA PRO A 280 25.80 1.37 3.66
C PRO A 280 24.68 2.15 4.33
N LYS A 281 24.51 3.41 3.94
CA LYS A 281 23.46 4.20 4.55
C LYS A 281 22.13 3.54 4.22
N GLY A 282 22.04 2.99 3.01
CA GLY A 282 20.82 2.31 2.64
C GLY A 282 20.61 1.14 3.59
N ILE A 283 21.67 0.41 3.88
CA ILE A 283 21.56 -0.72 4.78
C ILE A 283 21.12 -0.21 6.14
N ASP A 284 21.74 0.86 6.61
CA ASP A 284 21.36 1.38 7.90
C ASP A 284 19.85 1.75 7.97
N LEU A 285 19.37 2.50 6.98
CA LEU A 285 17.96 2.87 6.96
C LEU A 285 17.13 1.57 6.99
N LEU A 286 17.50 0.59 6.19
CA LEU A 286 16.76 -0.65 6.14
C LEU A 286 16.60 -1.36 7.47
N GLN A 287 17.63 -1.31 8.30
CA GLN A 287 17.57 -1.99 9.61
C GLN A 287 16.77 -1.20 10.63
N ARG A 288 16.59 0.08 10.38
CA ARG A 288 15.81 0.86 11.31
C ARG A 288 14.31 0.65 10.99
N MET A 289 14.02 0.16 9.79
CA MET A 289 12.64 -0.10 9.36
C MET A 289 12.16 -1.52 9.68
N LEU A 290 13.03 -2.53 9.53
CA LEU A 290 12.68 -3.93 9.79
C LEU A 290 13.01 -4.32 11.23
N VAL A 291 12.38 -3.64 12.16
CA VAL A 291 12.61 -3.93 13.55
C VAL A 291 11.36 -4.65 14.05
N PHE A 292 11.59 -5.73 14.81
CA PHE A 292 10.51 -6.52 15.35
C PHE A 292 9.54 -5.66 16.17
N ASP A 293 10.06 -4.91 17.15
CA ASP A 293 9.20 -4.09 17.98
C ASP A 293 8.66 -2.87 17.22
N PRO A 294 7.34 -2.86 16.95
CA PRO A 294 6.76 -1.72 16.23
C PRO A 294 7.17 -0.37 16.79
N ALA A 295 7.21 -0.24 18.12
CA ALA A 295 7.56 1.04 18.75
C ALA A 295 8.99 1.49 18.49
N LYS A 296 9.88 0.56 18.14
CA LYS A 296 11.28 0.89 17.87
C LYS A 296 11.52 1.16 16.39
N ARG A 297 10.47 1.04 15.60
CA ARG A 297 10.63 1.26 14.18
C ARG A 297 10.68 2.75 13.87
N ILE A 298 11.61 3.12 12.98
CA ILE A 298 11.73 4.51 12.55
C ILE A 298 10.34 4.99 11.97
N THR A 299 9.97 6.27 12.10
CA THR A 299 8.69 6.74 11.55
C THR A 299 8.95 7.18 10.10
N ALA A 300 7.89 7.45 9.34
CA ALA A 300 8.09 7.90 7.96
C ALA A 300 8.93 9.19 7.96
N LYS A 301 8.50 10.15 8.78
CA LYS A 301 9.17 11.46 8.89
C LYS A 301 10.68 11.32 9.18
N GLU A 302 11.04 10.47 10.13
CA GLU A 302 12.45 10.28 10.45
C GLU A 302 13.18 9.66 9.29
N ALA A 303 12.53 8.75 8.61
CA ALA A 303 13.14 8.08 7.47
C ALA A 303 13.45 9.07 6.39
N LEU A 304 12.60 10.08 6.18
CA LEU A 304 12.88 11.06 5.15
C LEU A 304 14.11 11.86 5.54
N GLU A 305 14.36 11.98 6.85
CA GLU A 305 15.48 12.74 7.38
C GLU A 305 16.76 11.90 7.46
N HIS A 306 16.65 10.59 7.26
CA HIS A 306 17.83 9.72 7.29
C HIS A 306 18.84 10.10 6.19
N PRO A 307 20.15 9.94 6.48
CA PRO A 307 21.24 10.25 5.54
C PRO A 307 21.14 9.60 4.18
N TYR A 308 20.59 8.40 4.13
CA TYR A 308 20.49 7.76 2.83
C TYR A 308 19.69 8.58 1.81
N LEU A 309 18.78 9.41 2.28
CA LEU A 309 17.94 10.17 1.35
C LEU A 309 18.21 11.66 1.28
N GLN A 310 19.35 12.12 1.78
CA GLN A 310 19.64 13.56 1.77
C GLN A 310 19.61 14.18 0.38
N THR A 311 19.91 13.41 -0.66
CA THR A 311 19.83 14.03 -1.96
C THR A 311 18.41 14.56 -2.27
N TYR A 312 17.39 13.84 -1.81
CA TYR A 312 16.00 14.21 -2.08
C TYR A 312 15.25 14.93 -0.95
N HIS A 313 15.73 14.79 0.28
CA HIS A 313 15.07 15.40 1.42
C HIS A 313 14.96 16.92 1.38
N ASP A 314 13.75 17.42 1.60
CA ASP A 314 13.51 18.85 1.66
C ASP A 314 12.39 19.02 2.70
N PRO A 315 12.76 19.30 3.97
CA PRO A 315 11.75 19.47 5.02
C PRO A 315 10.74 20.58 4.81
N ASN A 316 10.83 21.25 3.67
CA ASN A 316 9.87 22.30 3.41
C ASN A 316 8.99 21.89 2.21
N ASP A 317 9.18 20.65 1.77
CA ASP A 317 8.42 20.13 0.64
C ASP A 317 7.95 18.69 0.92
N GLU A 318 7.58 18.46 2.17
CA GLU A 318 7.09 17.14 2.62
C GLU A 318 5.81 17.32 3.48
N PRO A 319 4.66 17.53 2.85
CA PRO A 319 3.34 17.73 3.47
C PRO A 319 3.13 16.85 4.71
N GLU A 320 2.75 17.46 5.82
CA GLU A 320 2.61 16.73 7.08
C GLU A 320 1.24 16.09 7.24
N GLY A 321 0.29 16.54 6.43
CA GLY A 321 -1.06 16.03 6.51
C GLY A 321 -1.91 16.76 7.53
N GLU A 322 -3.22 16.62 7.35
CA GLU A 322 -4.22 17.21 8.25
C GLU A 322 -5.13 16.08 8.74
N PRO A 323 -5.27 15.94 10.05
CA PRO A 323 -6.10 14.90 10.66
C PRO A 323 -7.49 14.72 10.06
N ILE A 324 -7.85 13.47 9.79
CA ILE A 324 -9.17 13.06 9.26
C ILE A 324 -9.86 12.35 10.45
N PRO A 325 -11.10 12.72 10.80
CA PRO A 325 -11.72 12.02 11.93
C PRO A 325 -12.21 10.63 11.55
N PRO A 326 -12.26 9.71 12.51
CA PRO A 326 -12.70 8.33 12.33
C PRO A 326 -14.09 8.26 11.70
N SER A 327 -14.86 9.31 11.91
CA SER A 327 -16.22 9.38 11.39
C SER A 327 -16.22 9.50 9.86
N PHE A 328 -15.05 9.78 9.28
CA PHE A 328 -14.91 9.87 7.83
C PHE A 328 -15.23 8.48 7.28
N PHE A 329 -14.91 7.45 8.06
CA PHE A 329 -15.25 6.06 7.72
C PHE A 329 -16.18 5.59 8.86
N GLU A 330 -17.16 6.42 9.27
CA GLU A 330 -18.00 6.03 10.38
C GLU A 330 -18.60 4.63 10.21
N PHE A 331 -18.76 4.24 8.94
CA PHE A 331 -19.32 2.94 8.60
C PHE A 331 -18.41 1.77 8.99
N ASP A 332 -17.12 2.04 9.25
CA ASP A 332 -16.21 0.96 9.65
C ASP A 332 -16.49 0.55 11.10
N HIS A 333 -17.33 1.31 11.78
CA HIS A 333 -17.64 1.01 13.14
C HIS A 333 -19.05 0.54 13.35
N TYR A 334 -19.81 0.47 12.27
CA TYR A 334 -21.18 0.05 12.44
C TYR A 334 -21.33 -1.22 13.23
N LYS A 335 -22.25 -1.17 14.19
CA LYS A 335 -22.54 -2.31 15.06
C LYS A 335 -23.10 -3.44 14.21
N GLU A 336 -24.38 -3.31 13.86
CA GLU A 336 -25.06 -4.28 12.99
C GLU A 336 -24.53 -4.00 11.59
N ALA A 337 -23.61 -4.86 11.14
CA ALA A 337 -22.96 -4.77 9.83
C ALA A 337 -23.88 -4.23 8.72
N LEU A 338 -23.45 -3.14 8.07
CA LEU A 338 -24.21 -2.51 7.00
C LEU A 338 -24.69 -3.50 5.94
N THR A 339 -25.91 -3.29 5.42
CA THR A 339 -26.41 -4.19 4.37
C THR A 339 -25.78 -3.72 3.07
N THR A 340 -25.84 -4.59 2.07
CA THR A 340 -25.26 -4.28 0.78
C THR A 340 -25.98 -3.07 0.16
N LYS A 341 -27.28 -2.96 0.43
CA LYS A 341 -28.07 -1.86 -0.08
C LYS A 341 -27.65 -0.57 0.64
N ASP A 342 -27.27 -0.72 1.92
CA ASP A 342 -26.81 0.42 2.70
C ASP A 342 -25.54 0.95 2.02
N LEU A 343 -24.62 0.03 1.78
CA LEU A 343 -23.32 0.32 1.17
C LEU A 343 -23.45 0.85 -0.25
N LYS A 344 -24.46 0.37 -0.96
CA LYS A 344 -24.69 0.82 -2.33
C LYS A 344 -25.10 2.30 -2.28
N LYS A 345 -26.01 2.68 -1.36
CA LYS A 345 -26.38 4.12 -1.27
C LYS A 345 -25.15 4.98 -0.84
N LEU A 346 -24.36 4.46 0.10
CA LEU A 346 -23.19 5.22 0.52
C LEU A 346 -22.25 5.44 -0.66
N ILE A 347 -21.99 4.40 -1.45
CA ILE A 347 -21.07 4.55 -2.59
C ILE A 347 -21.68 5.52 -3.60
N TRP A 348 -22.97 5.37 -3.84
CA TRP A 348 -23.64 6.24 -4.78
C TRP A 348 -23.49 7.70 -4.36
N ASN A 349 -23.72 8.00 -3.08
CA ASN A 349 -23.62 9.38 -2.64
C ASN A 349 -22.23 9.93 -2.65
N GLU A 350 -21.26 9.05 -2.55
CA GLU A 350 -19.89 9.51 -2.58
C GLU A 350 -19.60 9.86 -4.05
N ILE A 351 -20.14 9.08 -5.00
CA ILE A 351 -19.90 9.34 -6.42
C ILE A 351 -20.51 10.68 -6.83
N PHE A 352 -21.74 10.93 -6.41
CA PHE A 352 -22.39 12.17 -6.76
C PHE A 352 -22.16 13.29 -5.75
N SER A 353 -20.90 13.60 -5.48
CA SER A 353 -20.59 14.68 -4.55
C SER A 353 -19.11 15.04 -4.62
MG MG B . -3.24 -3.56 -5.94
PB ADP C . -6.11 -4.11 -7.27
O1B ADP C . -6.72 -5.02 -8.23
O2B ADP C . -6.94 -3.80 -6.06
O3B ADP C . -4.69 -4.55 -6.81
PA ADP C . -4.75 -1.79 -8.18
O1A ADP C . -5.29 -0.41 -8.16
O2A ADP C . -3.70 -2.07 -7.17
O3A ADP C . -5.99 -2.72 -7.98
O5' ADP C . -4.34 -1.99 -9.67
C5' ADP C . -3.75 -3.24 -10.15
C4' ADP C . -2.63 -2.99 -11.18
O4' ADP C . -3.15 -2.17 -12.26
C3' ADP C . -1.42 -2.19 -10.68
O3' ADP C . -0.54 -3.11 -10.02
C2' ADP C . -0.91 -1.54 -12.00
O2' ADP C . -0.04 -2.37 -12.77
C1' ADP C . -2.17 -1.26 -12.80
N9 ADP C . -2.63 0.14 -12.59
C8 ADP C . -3.50 0.58 -11.63
N7 ADP C . -3.73 1.88 -11.69
C5 ADP C . -3.00 2.29 -12.73
C6 ADP C . -2.84 3.58 -13.30
N6 ADP C . -3.42 4.64 -12.88
N1 ADP C . -1.99 3.62 -14.38
C2 ADP C . -1.34 2.53 -14.88
N3 ADP C . -1.48 1.31 -14.38
C4 ADP C . -2.30 1.24 -13.30
#